data_6I4Y
#
_entry.id   6I4Y
#
_cell.length_a   93.020
_cell.length_b   133.000
_cell.length_c   146.050
_cell.angle_alpha   90.00
_cell.angle_beta   90.00
_cell.angle_gamma   90.00
#
_symmetry.space_group_name_H-M   'I 2 2 2'
#
loop_
_entity.id
_entity.type
_entity.pdbx_description
1 polymer 'Maltose transport system, substrate-binding protein,TP53-regulated inhibitor of apoptosis 1'
2 polymer 'PRELI domain containing protein 3B'
3 branched alpha-D-glucopyranose-(1-4)-alpha-D-glucopyranose
4 non-polymer 'SODIUM ION'
5 water water
#
loop_
_entity_poly.entity_id
_entity_poly.type
_entity_poly.pdbx_seq_one_letter_code
_entity_poly.pdbx_strand_id
1 'polypeptide(L)'
;MKIEEGKLVIWINGDKGYNGLAEVGKKFEKDTGIKVTVEHPDKLEEKFPQVAATGDGPDIIFWAHDRFGGYAQSGLLAEI
TPAAAFQDKLYPFTWDAVRYNGKLIAYPIAVEALSLIYNKDLLPNPPKTWEEIPALDKELKAKGKSALMFNLQEPYFTWP
LIAADGGYAFKYAAGKYDIKDVGVDNAGAKAGLTFLVDLIKNKHMNADTDYSIAEAAFNKGETAMTINGPWAWSNIDTSA
VNYGVTVLPTFKGQPSKPFVGVLSAGINAASPNKELAKEFLENYLLTDEGLEAVNKDKPLGAVALKSYEEELAKDPRIAA
TMENAQKGEIMPNIPQMSAFWYAVRTAVINAASGRQTVDAALAAAQTNAAANSVGEACTDMKREYDQCFNRWFAEKFLKG
DSSGDPCTDLFKRYQQCVQKAIKEKEIPIEGLEFMGHGKEKPENSS
;
A
2 'polypeptide(L)'
;MAHHHHHHVDDDKMKIWTSEHVFDHPWETVTTAAMQKYPNPMNPSVVGVDVLDRHIDPSGKLHSHRLLSTEWGLPSIVKS
LIGAARTKTYVQEHSVVDPVEKTMELKSTNISFTNMVSVDERLIYKPHPQDPEKTVLTQEAIITVKGVSLSSYLEGLMAS
TISSNASKGREAMEWVIHKLNAEIEELTASARGTIRTPMAAAAFAEK
;
B
#
# COMPACT_ATOMS: atom_id res chain seq x y z
N LYS A 2 7.06 12.96 19.83
CA LYS A 2 6.62 13.28 21.19
C LYS A 2 6.32 12.02 21.97
N ILE A 3 7.35 11.17 22.12
CA ILE A 3 7.20 9.92 22.85
C ILE A 3 8.02 9.97 24.13
N GLU A 4 7.38 9.65 25.25
CA GLU A 4 8.04 9.69 26.56
C GLU A 4 9.15 8.65 26.69
N GLU A 5 10.19 9.00 27.44
CA GLU A 5 11.34 8.13 27.67
C GLU A 5 11.17 7.39 28.99
N GLY A 6 11.71 6.17 29.08
CA GLY A 6 11.60 5.34 30.30
C GLY A 6 10.33 4.49 30.50
N LYS A 7 9.32 4.65 29.65
CA LYS A 7 8.19 3.74 29.57
C LYS A 7 8.39 2.90 28.31
N LEU A 8 7.49 1.96 28.06
CA LEU A 8 7.23 1.46 26.69
C LEU A 8 5.73 1.50 26.42
N VAL A 9 5.36 1.92 25.22
CA VAL A 9 3.96 1.78 24.78
C VAL A 9 3.89 0.93 23.50
N ILE A 10 2.93 0.01 23.50
CA ILE A 10 2.91 -1.08 22.54
C ILE A 10 1.51 -1.17 21.96
N TRP A 11 1.40 -1.07 20.63
CA TRP A 11 0.12 -1.23 19.95
C TRP A 11 0.08 -2.55 19.25
N ILE A 12 -1.07 -3.18 19.33
CA ILE A 12 -1.34 -4.41 18.61
C ILE A 12 -2.82 -4.42 18.40
N ASN A 13 -3.27 -4.98 17.27
CA ASN A 13 -4.70 -4.99 16.92
C ASN A 13 -5.55 -5.66 17.97
N GLY A 14 -6.78 -5.18 18.14
CA GLY A 14 -7.72 -5.73 19.13
C GLY A 14 -8.24 -7.14 18.94
N ASP A 15 -8.09 -7.70 17.74
CA ASP A 15 -8.33 -9.14 17.52
C ASP A 15 -7.15 -10.02 17.97
N LYS A 16 -5.97 -9.43 18.14
CA LYS A 16 -4.82 -10.15 18.68
C LYS A 16 -4.94 -10.27 20.20
N GLY A 17 -3.97 -10.97 20.79
CA GLY A 17 -4.02 -11.34 22.21
C GLY A 17 -3.37 -10.31 23.11
N TYR A 18 -4.00 -9.15 23.22
CA TYR A 18 -3.34 -8.01 23.85
C TYR A 18 -3.13 -8.17 25.36
N ASN A 19 -4.06 -8.84 26.03
CA ASN A 19 -3.91 -9.13 27.47
C ASN A 19 -2.71 -10.03 27.73
N GLY A 20 -2.55 -11.08 26.93
CA GLY A 20 -1.39 -11.97 27.01
C GLY A 20 -0.11 -11.16 26.93
N LEU A 21 -0.04 -10.34 25.88
CA LEU A 21 1.10 -9.47 25.68
C LEU A 21 1.29 -8.53 26.89
N ALA A 22 0.18 -8.06 27.45
CA ALA A 22 0.25 -7.25 28.66
C ALA A 22 0.94 -7.95 29.82
N GLU A 23 0.65 -9.25 29.99
CA GLU A 23 1.24 -10.05 31.05
C GLU A 23 2.75 -10.08 30.83
N VAL A 24 3.15 -10.18 29.57
CA VAL A 24 4.59 -10.29 29.26
C VAL A 24 5.30 -9.01 29.68
N GLY A 25 4.62 -7.89 29.44
CA GLY A 25 5.07 -6.61 29.98
C GLY A 25 5.23 -6.54 31.48
N LYS A 26 4.26 -7.10 32.20
CA LYS A 26 4.33 -7.18 33.67
C LYS A 26 5.62 -7.89 34.11
N LYS A 27 5.96 -9.01 33.50
CA LYS A 27 7.19 -9.71 33.87
C LYS A 27 8.34 -8.76 33.62
N PHE A 28 8.31 -8.11 32.47
CA PHE A 28 9.30 -7.12 32.13
C PHE A 28 9.42 -5.99 33.16
N GLU A 29 8.30 -5.46 33.60
CA GLU A 29 8.32 -4.41 34.60
C GLU A 29 8.87 -4.92 35.92
N LYS A 30 8.36 -6.06 36.40
CA LYS A 30 8.88 -6.71 37.63
C LYS A 30 10.41 -6.92 37.58
N ASP A 31 10.97 -7.22 36.41
CA ASP A 31 12.41 -7.43 36.30
C ASP A 31 13.22 -6.14 36.12
N THR A 32 12.75 -5.22 35.29
CA THR A 32 13.53 -3.99 35.01
C THR A 32 13.07 -2.79 35.84
N GLY A 33 11.75 -2.68 36.05
CA GLY A 33 11.16 -1.51 36.67
C GLY A 33 10.67 -0.50 35.64
N ILE A 34 10.96 -0.77 34.36
CA ILE A 34 10.48 0.06 33.24
C ILE A 34 9.04 -0.43 32.87
N LYS A 35 8.06 0.46 33.09
CA LYS A 35 6.62 0.24 32.80
C LYS A 35 6.37 -0.05 31.31
N VAL A 36 5.43 -0.94 31.02
CA VAL A 36 5.02 -1.29 29.67
C VAL A 36 3.52 -1.04 29.56
N THR A 37 3.07 -0.39 28.48
CA THR A 37 1.64 -0.11 28.27
C THR A 37 1.22 -0.63 26.93
N VAL A 38 0.25 -1.55 26.93
CA VAL A 38 -0.25 -2.19 25.71
C VAL A 38 -1.61 -1.63 25.38
N GLU A 39 -1.76 -1.13 24.15
CA GLU A 39 -3.03 -0.57 23.66
C GLU A 39 -3.55 -1.32 22.42
N HIS A 40 -4.87 -1.25 22.22
CA HIS A 40 -5.50 -1.80 21.03
C HIS A 40 -6.43 -0.82 20.30
N PRO A 41 -5.84 0.27 19.75
CA PRO A 41 -6.66 1.33 19.15
C PRO A 41 -7.42 0.93 17.87
N ASP A 42 -8.71 1.26 17.79
CA ASP A 42 -9.53 1.03 16.59
C ASP A 42 -8.82 1.50 15.32
N LYS A 43 -8.99 0.75 14.23
CA LYS A 43 -8.40 1.08 12.92
C LYS A 43 -6.90 1.45 12.98
N LEU A 44 -6.14 0.61 13.69
CA LEU A 44 -4.70 0.81 14.00
C LEU A 44 -3.80 0.90 12.76
N GLU A 45 -4.18 0.18 11.71
CA GLU A 45 -3.43 0.18 10.44
C GLU A 45 -3.32 1.61 9.88
N GLU A 46 -4.41 2.37 10.07
CA GLU A 46 -4.50 3.78 9.74
C GLU A 46 -3.99 4.65 10.91
N LYS A 47 -4.38 4.33 12.14
CA LYS A 47 -4.00 5.18 13.28
C LYS A 47 -2.48 5.30 13.50
N PHE A 48 -1.70 4.26 13.26
CA PHE A 48 -0.27 4.36 13.50
C PHE A 48 0.39 5.45 12.68
N PRO A 49 0.25 5.37 11.37
CA PRO A 49 0.77 6.32 10.41
C PRO A 49 0.46 7.74 10.76
N GLN A 50 -0.80 8.00 11.12
CA GLN A 50 -1.24 9.34 11.44
C GLN A 50 -0.40 9.86 12.57
N VAL A 51 -0.30 9.07 13.62
CA VAL A 51 0.45 9.53 14.78
C VAL A 51 1.95 9.42 14.58
N ALA A 52 2.40 8.41 13.84
CA ALA A 52 3.82 8.25 13.63
C ALA A 52 4.43 9.42 12.88
N ALA A 53 3.67 9.96 11.93
CA ALA A 53 4.09 11.07 11.14
C ALA A 53 4.41 12.28 11.98
N THR A 54 3.61 12.55 12.99
CA THR A 54 3.88 13.70 13.87
C THR A 54 5.14 13.52 14.71
N GLY A 55 5.46 12.29 15.07
CA GLY A 55 6.62 11.99 15.89
C GLY A 55 6.12 11.43 17.20
N ASP A 56 4.81 11.14 17.20
CA ASP A 56 4.09 10.61 18.32
C ASP A 56 3.92 9.11 18.05
N GLY A 57 3.00 8.44 18.75
CA GLY A 57 2.69 7.02 18.54
C GLY A 57 3.23 6.05 19.59
N PRO A 58 3.11 4.75 19.34
CA PRO A 58 3.72 3.82 20.27
C PRO A 58 5.20 3.65 20.02
N ASP A 59 5.93 3.04 20.97
CA ASP A 59 7.35 2.70 20.78
C ASP A 59 7.46 1.48 19.88
N ILE A 60 6.49 0.58 20.04
CA ILE A 60 6.46 -0.67 19.31
C ILE A 60 5.11 -0.80 18.63
N ILE A 61 5.15 -1.21 17.36
CA ILE A 61 3.94 -1.34 16.54
C ILE A 61 3.89 -2.75 15.99
N PHE A 62 2.74 -3.39 16.15
CA PHE A 62 2.49 -4.74 15.69
C PHE A 62 1.46 -4.72 14.58
N TRP A 63 1.79 -5.35 13.47
CA TRP A 63 0.85 -5.55 12.38
C TRP A 63 1.38 -6.63 11.46
N ALA A 64 0.50 -7.15 10.61
CA ALA A 64 0.93 -7.99 9.49
C ALA A 64 2.05 -7.28 8.74
N HIS A 65 3.06 -8.03 8.35
CA HIS A 65 4.25 -7.52 7.67
C HIS A 65 4.01 -6.77 6.37
N ASP A 66 2.86 -6.98 5.71
CA ASP A 66 2.61 -6.40 4.39
C ASP A 66 2.67 -4.86 4.33
N ARG A 67 2.22 -4.22 5.41
CA ARG A 67 2.26 -2.77 5.53
C ARG A 67 3.57 -2.17 6.09
N PHE A 68 4.53 -3.00 6.49
CA PHE A 68 5.79 -2.52 7.06
C PHE A 68 6.75 -1.89 6.06
N GLY A 69 6.68 -2.27 4.80
CA GLY A 69 7.51 -1.66 3.76
C GLY A 69 7.10 -0.22 3.58
N GLY A 70 5.79 -0.01 3.44
CA GLY A 70 5.25 1.33 3.53
C GLY A 70 5.76 2.09 4.75
N TYR A 71 5.48 1.58 5.95
CA TYR A 71 5.88 2.27 7.17
C TYR A 71 7.36 2.65 7.13
N ALA A 72 8.21 1.70 6.80
CA ALA A 72 9.65 1.92 6.88
C ALA A 72 10.13 3.04 5.96
N GLN A 73 9.76 2.93 4.68
CA GLN A 73 10.19 3.89 3.63
C GLN A 73 9.63 5.31 3.74
N SER A 74 8.54 5.45 4.47
CA SER A 74 8.03 6.73 4.89
C SER A 74 8.66 7.20 6.22
N GLY A 75 9.89 6.75 6.49
CA GLY A 75 10.71 7.18 7.64
C GLY A 75 10.18 6.92 9.05
N LEU A 76 9.25 5.98 9.21
CA LEU A 76 8.59 5.74 10.51
C LEU A 76 9.20 4.63 11.36
N LEU A 77 9.90 3.68 10.75
CA LEU A 77 10.47 2.57 11.51
C LEU A 77 11.98 2.67 11.60
N ALA A 78 12.52 2.16 12.71
CA ALA A 78 13.96 2.04 12.92
C ALA A 78 14.43 0.73 12.36
N GLU A 79 15.66 0.71 11.84
CA GLU A 79 16.29 -0.52 11.38
C GLU A 79 16.59 -1.36 12.61
N ILE A 80 16.15 -2.61 12.61
CA ILE A 80 16.35 -3.48 13.77
C ILE A 80 17.72 -4.14 13.62
N THR A 81 18.37 -4.39 14.75
CA THR A 81 19.76 -4.85 14.74
C THR A 81 19.93 -5.98 15.72
N PRO A 82 19.31 -7.12 15.43
CA PRO A 82 19.49 -8.27 16.30
C PRO A 82 20.81 -8.94 15.98
N ALA A 83 21.34 -9.65 16.95
CA ALA A 83 22.59 -10.38 16.80
C ALA A 83 22.43 -11.56 15.82
N ALA A 84 23.54 -12.05 15.30
CA ALA A 84 23.48 -13.22 14.42
C ALA A 84 22.92 -14.43 15.18
N ALA A 85 23.30 -14.60 16.44
CA ALA A 85 22.78 -15.69 17.26
C ALA A 85 21.27 -15.63 17.41
N PHE A 86 20.74 -14.43 17.62
CA PHE A 86 19.30 -14.29 17.75
C PHE A 86 18.59 -14.73 16.48
N GLN A 87 19.10 -14.33 15.32
CA GLN A 87 18.47 -14.67 14.05
C GLN A 87 18.37 -16.16 13.82
N ASP A 88 19.39 -16.90 14.23
CA ASP A 88 19.33 -18.35 14.16
C ASP A 88 18.16 -18.88 14.96
N LYS A 89 17.78 -18.18 16.02
CA LYS A 89 16.66 -18.63 16.85
C LYS A 89 15.32 -18.67 16.09
N LEU A 90 15.15 -17.84 15.05
CA LEU A 90 13.89 -17.73 14.30
C LEU A 90 14.05 -18.18 12.87
N TYR A 91 12.96 -18.64 12.28
CA TYR A 91 13.00 -19.17 10.94
C TYR A 91 13.41 -18.08 9.95
N PRO A 92 14.29 -18.39 8.98
CA PRO A 92 14.79 -17.37 8.06
C PRO A 92 13.76 -16.94 7.01
N PHE A 93 12.84 -17.84 6.71
CA PHE A 93 11.60 -17.56 5.97
C PHE A 93 10.80 -16.36 6.52
N THR A 94 10.77 -16.20 7.84
CA THR A 94 10.02 -15.13 8.50
C THR A 94 10.85 -13.84 8.55
N TRP A 95 12.16 -13.95 8.83
CA TRP A 95 13.05 -12.80 8.64
C TRP A 95 12.91 -12.14 7.27
N ASP A 96 12.58 -12.92 6.23
CA ASP A 96 12.50 -12.35 4.88
C ASP A 96 11.25 -11.50 4.66
N ALA A 97 10.11 -11.96 5.17
CA ALA A 97 8.87 -11.16 5.13
C ALA A 97 8.99 -9.74 5.71
N VAL A 98 9.97 -9.57 6.60
CA VAL A 98 10.15 -8.34 7.33
C VAL A 98 11.51 -7.68 6.96
N ARG A 99 11.95 -7.92 5.72
CA ARG A 99 13.24 -7.43 5.20
C ARG A 99 12.92 -6.63 3.93
N TYR A 100 13.40 -5.38 3.86
CA TYR A 100 13.13 -4.46 2.75
C TYR A 100 14.43 -3.73 2.40
N ASN A 101 14.82 -3.84 1.12
CA ASN A 101 16.11 -3.32 0.62
C ASN A 101 17.26 -3.88 1.43
N GLY A 102 17.21 -5.19 1.66
CA GLY A 102 18.17 -5.88 2.52
C GLY A 102 18.45 -5.21 3.86
N LYS A 103 17.44 -4.56 4.43
CA LYS A 103 17.48 -4.08 5.81
C LYS A 103 16.28 -4.69 6.54
N LEU A 104 16.52 -5.18 7.77
CA LEU A 104 15.47 -5.67 8.63
C LEU A 104 14.78 -4.49 9.29
N ILE A 105 13.47 -4.49 9.18
CA ILE A 105 12.63 -3.37 9.57
C ILE A 105 11.70 -3.68 10.76
N ALA A 106 11.54 -4.97 11.08
CA ALA A 106 10.74 -5.44 12.23
C ALA A 106 11.11 -6.86 12.61
N TYR A 107 10.70 -7.27 13.79
CA TYR A 107 10.87 -8.64 14.25
C TYR A 107 9.64 -9.42 13.80
N PRO A 108 9.82 -10.58 13.14
CA PRO A 108 8.65 -11.42 12.88
C PRO A 108 8.22 -12.14 14.16
N ILE A 109 6.92 -12.31 14.36
CA ILE A 109 6.43 -12.98 15.57
C ILE A 109 5.80 -14.32 15.22
N ALA A 110 4.82 -14.35 14.34
CA ALA A 110 4.15 -15.60 14.01
C ALA A 110 3.56 -15.59 12.63
N VAL A 111 3.44 -16.76 12.02
CA VAL A 111 2.87 -16.88 10.67
C VAL A 111 1.38 -17.19 10.76
N GLU A 112 0.58 -16.40 10.05
CA GLU A 112 -0.88 -16.50 10.11
C GLU A 112 -1.48 -16.68 8.72
N ALA A 113 -2.49 -17.52 8.61
CA ALA A 113 -3.28 -17.68 7.37
C ALA A 113 -4.68 -18.19 7.71
N LEU A 114 -5.61 -18.07 6.79
CA LEU A 114 -7.01 -18.34 7.13
C LEU A 114 -7.29 -19.80 6.86
N SER A 115 -8.23 -20.38 7.58
CA SER A 115 -8.65 -21.77 7.35
C SER A 115 -10.16 -21.80 7.38
N LEU A 116 -10.72 -22.97 7.13
CA LEU A 116 -12.15 -23.17 7.22
C LEU A 116 -12.47 -23.67 8.59
N ILE A 117 -13.24 -22.93 9.34
CA ILE A 117 -13.66 -23.41 10.62
C ILE A 117 -15.09 -23.88 10.44
N TYR A 118 -15.39 -25.09 10.88
CA TYR A 118 -16.73 -25.63 10.74
C TYR A 118 -17.24 -26.19 12.06
N ASN A 119 -18.56 -26.37 12.11
CA ASN A 119 -19.28 -26.96 13.26
C ASN A 119 -19.43 -28.46 13.08
N LYS A 120 -18.73 -29.21 13.92
CA LYS A 120 -18.61 -30.67 13.74
C LYS A 120 -19.94 -31.37 14.02
N ASP A 121 -20.80 -30.73 14.82
CA ASP A 121 -22.17 -31.20 15.08
C ASP A 121 -23.15 -30.99 13.92
N LEU A 122 -22.92 -29.98 13.08
CA LEU A 122 -23.79 -29.68 11.94
C LEU A 122 -23.20 -30.16 10.66
N LEU A 123 -21.89 -29.98 10.48
CA LEU A 123 -21.26 -30.52 9.28
C LEU A 123 -20.39 -31.69 9.71
N PRO A 124 -20.85 -32.92 9.47
CA PRO A 124 -20.05 -34.10 9.85
C PRO A 124 -18.75 -34.12 9.04
N ASN A 125 -18.87 -33.82 7.75
CA ASN A 125 -17.74 -33.73 6.85
C ASN A 125 -17.91 -32.41 6.14
N PRO A 126 -16.90 -31.54 6.24
CA PRO A 126 -16.99 -30.24 5.59
C PRO A 126 -16.83 -30.31 4.08
N PRO A 127 -17.56 -29.46 3.35
CA PRO A 127 -17.40 -29.41 1.90
C PRO A 127 -15.96 -29.10 1.48
N LYS A 128 -15.42 -29.89 0.55
CA LYS A 128 -14.08 -29.65 0.01
C LYS A 128 -14.11 -28.69 -1.20
N THR A 129 -15.31 -28.21 -1.54
CA THR A 129 -15.65 -27.66 -2.85
C THR A 129 -16.40 -26.35 -2.61
N TRP A 130 -15.90 -25.25 -3.15
CA TRP A 130 -16.61 -23.95 -3.05
C TRP A 130 -18.04 -24.05 -3.56
N GLU A 131 -18.19 -24.77 -4.66
CA GLU A 131 -19.40 -24.80 -5.46
C GLU A 131 -20.52 -25.61 -4.80
N GLU A 132 -20.17 -26.47 -3.84
CA GLU A 132 -21.14 -27.30 -3.10
C GLU A 132 -21.91 -26.55 -2.03
N ILE A 133 -21.51 -25.32 -1.73
CA ILE A 133 -22.04 -24.57 -0.60
C ILE A 133 -23.54 -24.23 -0.78
N PRO A 134 -23.94 -23.62 -1.92
CA PRO A 134 -25.35 -23.22 -2.10
C PRO A 134 -26.29 -24.37 -1.84
N ALA A 135 -25.95 -25.53 -2.39
CA ALA A 135 -26.71 -26.75 -2.20
C ALA A 135 -26.85 -27.12 -0.75
N LEU A 136 -25.74 -27.00 -0.04
CA LEU A 136 -25.71 -27.20 1.39
C LEU A 136 -26.56 -26.18 2.17
N ASP A 137 -26.51 -24.93 1.75
CA ASP A 137 -27.26 -23.89 2.44
C ASP A 137 -28.73 -24.23 2.44
N LYS A 138 -29.23 -24.68 1.30
CA LYS A 138 -30.65 -25.03 1.18
C LYS A 138 -31.02 -26.06 2.25
N GLU A 139 -30.21 -27.12 2.35
CA GLU A 139 -30.45 -28.16 3.35
C GLU A 139 -30.39 -27.54 4.74
N LEU A 140 -29.37 -26.75 4.98
CA LEU A 140 -29.19 -26.15 6.29
C LEU A 140 -30.24 -25.14 6.64
N LYS A 141 -30.66 -24.34 5.65
CA LYS A 141 -31.72 -23.38 5.90
C LYS A 141 -32.93 -24.17 6.37
N ALA A 142 -33.20 -25.28 5.67
CA ALA A 142 -34.33 -26.16 6.01
C ALA A 142 -34.35 -26.60 7.48
N LYS A 143 -33.18 -26.91 8.03
CA LYS A 143 -33.10 -27.22 9.47
C LYS A 143 -32.99 -25.97 10.36
N GLY A 144 -33.15 -24.77 9.78
CA GLY A 144 -33.12 -23.51 10.51
C GLY A 144 -31.73 -22.98 10.84
N LYS A 145 -30.86 -22.91 9.84
CA LYS A 145 -29.48 -22.44 10.01
C LYS A 145 -28.86 -21.95 8.71
N SER A 146 -27.73 -21.25 8.80
CA SER A 146 -27.02 -20.73 7.63
C SER A 146 -25.74 -21.52 7.41
N ALA A 147 -25.47 -21.89 6.17
CA ALA A 147 -24.26 -22.67 5.89
C ALA A 147 -22.93 -21.98 6.20
N LEU A 148 -22.76 -20.74 5.76
CA LEU A 148 -21.50 -20.08 5.95
C LEU A 148 -21.68 -18.63 6.20
N MET A 149 -20.84 -18.04 7.02
CA MET A 149 -20.90 -16.64 7.27
C MET A 149 -19.54 -16.17 7.62
N PHE A 150 -19.07 -15.15 6.93
CA PHE A 150 -17.73 -14.63 7.24
C PHE A 150 -17.62 -13.16 6.92
N ASN A 151 -16.51 -12.55 7.34
CA ASN A 151 -16.34 -11.10 7.22
C ASN A 151 -16.22 -10.70 5.76
N LEU A 152 -17.25 -10.04 5.26
CA LEU A 152 -17.31 -9.63 3.86
C LEU A 152 -16.83 -8.18 3.70
N GLN A 153 -16.40 -7.55 4.80
CA GLN A 153 -16.00 -6.13 4.78
C GLN A 153 -14.51 -5.94 4.52
N GLU A 154 -13.69 -6.68 5.24
CA GLU A 154 -12.27 -6.75 4.91
C GLU A 154 -12.02 -7.66 3.69
N PRO A 155 -11.21 -7.18 2.71
CA PRO A 155 -10.95 -7.98 1.51
C PRO A 155 -10.05 -9.20 1.75
N TYR A 156 -9.27 -9.19 2.82
CA TYR A 156 -8.52 -10.36 3.29
C TYR A 156 -9.30 -11.68 3.26
N PHE A 157 -10.56 -11.62 3.68
CA PHE A 157 -11.34 -12.81 3.89
C PHE A 157 -11.88 -13.34 2.56
N THR A 158 -12.13 -12.42 1.64
CA THR A 158 -12.66 -12.78 0.32
C THR A 158 -11.53 -13.07 -0.69
N TRP A 159 -10.37 -12.47 -0.46
CA TRP A 159 -9.20 -12.67 -1.33
C TRP A 159 -8.92 -14.11 -1.72
N PRO A 160 -8.92 -15.05 -0.75
CA PRO A 160 -8.67 -16.45 -1.10
C PRO A 160 -9.52 -16.95 -2.27
N LEU A 161 -10.81 -16.63 -2.24
CA LEU A 161 -11.73 -17.04 -3.28
C LEU A 161 -11.45 -16.35 -4.62
N ILE A 162 -10.84 -15.17 -4.59
CA ILE A 162 -10.48 -14.45 -5.82
C ILE A 162 -9.23 -15.06 -6.46
N ALA A 163 -8.11 -15.00 -5.74
CA ALA A 163 -6.83 -15.57 -6.19
C ALA A 163 -6.85 -17.09 -6.43
N ALA A 164 -8.05 -17.67 -6.49
CA ALA A 164 -8.23 -19.10 -6.65
C ALA A 164 -8.11 -19.49 -8.10
N ASP A 165 -9.04 -19.00 -8.96
CA ASP A 165 -9.04 -19.37 -10.39
C ASP A 165 -7.99 -18.59 -11.19
N GLY A 166 -7.30 -17.65 -10.53
CA GLY A 166 -6.43 -16.66 -11.16
C GLY A 166 -6.69 -15.35 -10.43
N GLY A 167 -5.66 -14.56 -10.20
CA GLY A 167 -5.84 -13.30 -9.49
C GLY A 167 -4.69 -13.07 -8.57
N TYR A 168 -4.17 -11.84 -8.62
CA TYR A 168 -2.94 -11.46 -7.92
C TYR A 168 -2.90 -9.95 -7.64
N ALA A 169 -2.07 -9.58 -6.68
CA ALA A 169 -1.82 -8.18 -6.39
C ALA A 169 -0.80 -7.65 -7.38
N PHE A 170 0.42 -8.17 -7.35
CA PHE A 170 1.43 -7.70 -8.26
C PHE A 170 2.15 -8.91 -8.78
N LYS A 171 2.36 -9.00 -10.10
CA LYS A 171 3.07 -10.14 -10.66
C LYS A 171 4.49 -10.14 -10.09
N TYR A 172 5.01 -11.31 -9.78
CA TYR A 172 6.33 -11.41 -9.21
C TYR A 172 7.20 -11.87 -10.32
N ALA A 173 8.16 -11.03 -10.70
CA ALA A 173 9.00 -11.32 -11.84
C ALA A 173 10.45 -11.16 -11.43
N ALA A 174 11.21 -12.25 -11.49
CA ALA A 174 12.65 -12.23 -11.27
C ALA A 174 13.05 -11.61 -9.92
N GLY A 175 12.35 -12.02 -8.86
CA GLY A 175 12.71 -11.56 -7.51
C GLY A 175 12.23 -10.16 -7.12
N LYS A 176 11.44 -9.52 -7.99
CA LYS A 176 10.90 -8.21 -7.71
C LYS A 176 9.45 -8.24 -8.11
N TYR A 177 8.69 -7.29 -7.60
CA TYR A 177 7.28 -7.23 -7.96
C TYR A 177 7.12 -6.14 -9.00
N ASP A 178 6.43 -6.44 -10.10
CA ASP A 178 6.12 -5.39 -11.04
C ASP A 178 4.88 -4.65 -10.55
N ILE A 179 5.07 -3.41 -10.11
CA ILE A 179 3.95 -2.61 -9.61
C ILE A 179 3.00 -2.20 -10.73
N LYS A 180 3.43 -2.30 -11.98
CA LYS A 180 2.62 -1.98 -13.15
C LYS A 180 1.71 -3.15 -13.58
N ASP A 181 1.89 -4.32 -12.97
CA ASP A 181 1.16 -5.54 -13.34
C ASP A 181 0.23 -5.92 -12.21
N VAL A 182 -1.06 -5.65 -12.34
CA VAL A 182 -1.97 -5.92 -11.24
C VAL A 182 -3.06 -6.89 -11.63
N GLY A 183 -3.09 -8.03 -10.96
CA GLY A 183 -4.04 -9.09 -11.30
C GLY A 183 -5.37 -9.02 -10.60
N VAL A 184 -5.90 -7.83 -10.44
CA VAL A 184 -7.19 -7.64 -9.80
C VAL A 184 -8.30 -7.79 -10.84
N ASP A 185 -7.98 -7.40 -12.08
CA ASP A 185 -8.91 -7.32 -13.19
C ASP A 185 -8.76 -8.52 -14.16
N ASN A 186 -8.04 -9.58 -13.76
CA ASN A 186 -7.85 -10.74 -14.64
C ASN A 186 -9.09 -11.67 -14.63
N ALA A 187 -9.06 -12.68 -15.50
CA ALA A 187 -10.25 -13.46 -15.84
C ALA A 187 -10.86 -14.22 -14.65
N GLY A 188 -10.00 -14.91 -13.90
CA GLY A 188 -10.42 -15.73 -12.79
C GLY A 188 -10.71 -14.92 -11.55
N ALA A 189 -9.98 -13.81 -11.39
CA ALA A 189 -10.28 -12.87 -10.32
C ALA A 189 -11.74 -12.41 -10.46
N LYS A 190 -12.18 -12.20 -11.71
CA LYS A 190 -13.57 -11.86 -11.97
C LYS A 190 -14.50 -13.03 -11.59
N ALA A 191 -14.19 -14.25 -12.03
CA ALA A 191 -15.02 -15.45 -11.73
C ALA A 191 -15.16 -15.71 -10.23
N GLY A 192 -14.03 -15.66 -9.52
CA GLY A 192 -14.00 -15.71 -8.06
C GLY A 192 -15.00 -14.74 -7.45
N LEU A 193 -14.79 -13.45 -7.68
CA LEU A 193 -15.67 -12.40 -7.12
C LEU A 193 -17.14 -12.57 -7.54
N THR A 194 -17.35 -13.01 -8.79
CA THR A 194 -18.69 -13.31 -9.31
C THR A 194 -19.35 -14.37 -8.43
N PHE A 195 -18.63 -15.45 -8.18
CA PHE A 195 -19.18 -16.52 -7.36
C PHE A 195 -19.71 -15.93 -6.07
N LEU A 196 -18.86 -15.15 -5.38
CA LEU A 196 -19.23 -14.55 -4.09
C LEU A 196 -20.57 -13.83 -4.13
N VAL A 197 -20.72 -12.95 -5.11
CA VAL A 197 -21.90 -12.09 -5.22
C VAL A 197 -23.14 -12.91 -5.53
N ASP A 198 -23.01 -13.83 -6.49
CA ASP A 198 -24.06 -14.78 -6.77
C ASP A 198 -24.61 -15.28 -5.43
N LEU A 199 -23.71 -15.76 -4.55
CA LEU A 199 -24.11 -16.33 -3.26
C LEU A 199 -24.99 -15.41 -2.42
N ILE A 200 -24.71 -14.11 -2.46
CA ILE A 200 -25.55 -13.14 -1.76
C ILE A 200 -26.89 -13.00 -2.47
N LYS A 201 -26.85 -12.89 -3.80
CA LYS A 201 -28.08 -12.75 -4.59
C LYS A 201 -28.96 -13.98 -4.31
N ASN A 202 -28.39 -15.18 -4.43
CA ASN A 202 -29.10 -16.43 -4.09
C ASN A 202 -29.40 -16.57 -2.57
N LYS A 203 -29.45 -15.44 -1.88
CA LYS A 203 -29.82 -15.37 -0.47
C LYS A 203 -28.87 -16.11 0.51
N HIS A 204 -27.79 -16.71 0.02
CA HIS A 204 -26.99 -17.66 0.81
C HIS A 204 -26.13 -16.94 1.86
N MET A 205 -25.44 -15.89 1.42
CA MET A 205 -24.76 -14.96 2.31
C MET A 205 -25.51 -13.64 2.37
N ASN A 206 -24.93 -12.64 3.04
CA ASN A 206 -25.44 -11.27 3.05
C ASN A 206 -24.27 -10.29 3.06
N ALA A 207 -24.38 -9.25 2.22
CA ALA A 207 -23.31 -8.28 2.05
C ALA A 207 -22.92 -7.55 3.31
N ASP A 208 -23.86 -7.40 4.25
CA ASP A 208 -23.67 -6.57 5.44
C ASP A 208 -22.75 -7.22 6.46
N THR A 209 -22.74 -8.56 6.49
CA THR A 209 -21.99 -9.35 7.47
C THR A 209 -20.56 -8.82 7.61
N ASP A 210 -20.16 -8.55 8.86
CA ASP A 210 -18.83 -8.06 9.20
C ASP A 210 -18.10 -9.16 10.00
N TYR A 211 -17.04 -8.81 10.74
CA TYR A 211 -16.37 -9.79 11.59
C TYR A 211 -17.25 -10.29 12.71
N SER A 212 -17.71 -9.33 13.54
CA SER A 212 -18.44 -9.60 14.79
C SER A 212 -19.73 -10.34 14.56
N ILE A 213 -20.43 -9.93 13.50
CA ILE A 213 -21.71 -10.53 13.14
C ILE A 213 -21.48 -12.03 12.94
N ALA A 214 -20.44 -12.35 12.18
CA ALA A 214 -20.15 -13.73 11.78
C ALA A 214 -19.55 -14.52 12.94
N GLU A 215 -18.66 -13.89 13.72
CA GLU A 215 -18.12 -14.51 14.91
C GLU A 215 -19.26 -14.92 15.84
N ALA A 216 -20.13 -13.96 16.13
CA ALA A 216 -21.28 -14.20 16.98
C ALA A 216 -22.10 -15.40 16.51
N ALA A 217 -22.63 -15.31 15.28
CA ALA A 217 -23.52 -16.34 14.73
C ALA A 217 -22.90 -17.75 14.82
N PHE A 218 -21.69 -17.91 14.28
CA PHE A 218 -21.01 -19.21 14.28
C PHE A 218 -20.75 -19.73 15.71
N ASN A 219 -20.27 -18.84 16.59
CA ASN A 219 -20.04 -19.22 18.00
C ASN A 219 -21.33 -19.43 18.77
N LYS A 220 -22.43 -18.83 18.29
CA LYS A 220 -23.80 -19.09 18.79
C LYS A 220 -24.34 -20.43 18.28
N GLY A 221 -23.75 -20.96 17.21
CA GLY A 221 -24.15 -22.24 16.62
C GLY A 221 -25.24 -22.11 15.56
N GLU A 222 -25.41 -20.89 15.08
CA GLU A 222 -26.43 -20.56 14.12
C GLU A 222 -25.92 -20.77 12.72
N THR A 223 -24.63 -21.00 12.58
CA THR A 223 -24.07 -21.21 11.26
C THR A 223 -23.06 -22.34 11.31
N ALA A 224 -22.88 -23.02 10.19
CA ALA A 224 -22.04 -24.21 10.16
C ALA A 224 -20.56 -23.97 9.94
N MET A 225 -20.23 -22.97 9.13
CA MET A 225 -18.85 -22.67 8.84
C MET A 225 -18.58 -21.18 8.85
N THR A 226 -17.30 -20.86 8.91
CA THR A 226 -16.79 -19.50 8.82
C THR A 226 -15.32 -19.59 8.40
N ILE A 227 -14.78 -18.45 7.98
CA ILE A 227 -13.38 -18.35 7.57
C ILE A 227 -12.72 -17.34 8.50
N ASN A 228 -11.68 -17.77 9.21
CA ASN A 228 -10.98 -16.90 10.14
C ASN A 228 -9.60 -17.46 10.47
N GLY A 229 -8.87 -16.73 11.33
CA GLY A 229 -7.48 -16.99 11.63
C GLY A 229 -7.26 -17.61 12.99
N PRO A 230 -6.00 -18.02 13.27
CA PRO A 230 -5.59 -18.55 14.56
C PRO A 230 -6.11 -17.80 15.77
N TRP A 231 -6.26 -16.49 15.66
CA TRP A 231 -6.71 -15.66 16.76
C TRP A 231 -8.14 -15.96 17.21
N ALA A 232 -9.00 -16.24 16.25
CA ALA A 232 -10.43 -16.43 16.51
C ALA A 232 -10.78 -17.72 17.29
N TRP A 233 -9.86 -18.68 17.30
CA TRP A 233 -10.10 -19.97 17.94
C TRP A 233 -10.52 -19.87 19.39
N SER A 234 -9.82 -19.01 20.13
CA SER A 234 -10.11 -18.82 21.57
C SER A 234 -11.58 -18.47 21.93
N ASN A 235 -12.26 -17.71 21.10
CA ASN A 235 -13.67 -17.39 21.39
C ASN A 235 -14.60 -18.55 21.03
N ILE A 236 -14.15 -19.40 20.11
CA ILE A 236 -14.90 -20.59 19.70
C ILE A 236 -14.81 -21.62 20.84
N ASP A 237 -13.63 -21.69 21.47
CA ASP A 237 -13.32 -22.66 22.52
C ASP A 237 -14.26 -22.55 23.71
N THR A 238 -14.43 -21.32 24.20
CA THR A 238 -15.22 -21.07 25.41
C THR A 238 -16.72 -21.24 25.10
N SER A 239 -17.11 -20.94 23.86
CA SER A 239 -18.44 -21.33 23.38
C SER A 239 -18.57 -22.84 23.31
N ALA A 240 -19.80 -23.34 23.45
CA ALA A 240 -20.06 -24.78 23.46
C ALA A 240 -20.31 -25.24 22.02
N VAL A 241 -19.31 -25.05 21.17
CA VAL A 241 -19.27 -25.64 19.82
C VAL A 241 -17.92 -26.31 19.63
N ASN A 242 -17.92 -27.62 19.39
CA ASN A 242 -16.69 -28.33 19.04
C ASN A 242 -16.50 -28.15 17.53
N TYR A 243 -15.30 -27.70 17.18
CA TYR A 243 -15.03 -27.16 15.87
C TYR A 243 -13.79 -27.86 15.28
N GLY A 244 -13.71 -27.86 13.95
CA GLY A 244 -12.49 -28.26 13.25
C GLY A 244 -11.96 -27.11 12.41
N VAL A 245 -10.65 -27.08 12.17
CA VAL A 245 -10.05 -26.18 11.18
C VAL A 245 -9.52 -27.04 10.05
N THR A 246 -9.82 -26.65 8.81
CA THR A 246 -9.46 -27.45 7.63
C THR A 246 -9.13 -26.55 6.42
N VAL A 247 -8.83 -27.18 5.28
CA VAL A 247 -8.49 -26.47 4.05
C VAL A 247 -9.69 -25.69 3.56
N LEU A 248 -9.44 -24.60 2.86
CA LEU A 248 -10.54 -23.88 2.26
C LEU A 248 -11.06 -24.66 1.05
N PRO A 249 -12.39 -24.62 0.85
CA PRO A 249 -13.00 -25.16 -0.34
C PRO A 249 -12.23 -24.79 -1.61
N THR A 250 -12.32 -25.62 -2.64
CA THR A 250 -11.65 -25.32 -3.90
C THR A 250 -12.64 -24.71 -4.88
N PHE A 251 -12.12 -23.73 -5.62
CA PHE A 251 -12.83 -23.04 -6.67
C PHE A 251 -12.28 -23.52 -8.01
N LYS A 252 -13.13 -24.11 -8.84
CA LYS A 252 -12.74 -24.64 -10.15
C LYS A 252 -11.76 -25.83 -9.99
N GLY A 253 -11.88 -26.54 -8.85
CA GLY A 253 -10.89 -27.53 -8.44
C GLY A 253 -9.45 -27.08 -8.27
N GLN A 254 -9.27 -25.80 -7.93
CA GLN A 254 -7.97 -25.25 -7.64
C GLN A 254 -8.03 -24.70 -6.22
N PRO A 255 -6.90 -24.72 -5.50
CA PRO A 255 -6.94 -24.37 -4.09
C PRO A 255 -7.39 -22.94 -3.91
N SER A 256 -7.94 -22.67 -2.75
CA SER A 256 -8.29 -21.32 -2.40
C SER A 256 -6.99 -20.76 -1.93
N LYS A 257 -6.56 -19.62 -2.46
CA LYS A 257 -5.28 -19.04 -2.05
C LYS A 257 -5.53 -17.83 -1.19
N PRO A 258 -5.03 -17.85 0.04
CA PRO A 258 -5.15 -16.75 0.95
C PRO A 258 -3.79 -16.16 1.18
N PHE A 259 -3.68 -14.84 1.16
CA PHE A 259 -2.38 -14.21 1.34
C PHE A 259 -1.87 -14.47 2.75
N VAL A 260 -0.58 -14.71 2.91
CA VAL A 260 -0.09 -14.98 4.26
C VAL A 260 0.67 -13.85 4.85
N GLY A 261 0.46 -13.59 6.13
CA GLY A 261 1.11 -12.48 6.80
C GLY A 261 1.87 -12.99 7.97
N VAL A 262 3.02 -12.40 8.24
CA VAL A 262 3.76 -12.70 9.44
C VAL A 262 3.50 -11.54 10.35
N LEU A 263 2.95 -11.78 11.50
CA LEU A 263 2.69 -10.68 12.39
C LEU A 263 4.02 -10.21 12.87
N SER A 264 4.40 -9.02 12.48
CA SER A 264 5.70 -8.50 12.86
C SER A 264 5.55 -7.33 13.83
N ALA A 265 6.69 -6.93 14.39
CA ALA A 265 6.77 -5.96 15.47
C ALA A 265 7.87 -4.97 15.18
N GLY A 266 7.51 -3.74 14.84
CA GLY A 266 8.47 -2.70 14.50
C GLY A 266 8.69 -1.67 15.59
N ILE A 267 9.86 -1.03 15.54
CA ILE A 267 10.24 -0.01 16.50
C ILE A 267 10.18 1.35 15.84
N ASN A 268 9.37 2.22 16.43
CA ASN A 268 9.12 3.58 15.97
C ASN A 268 10.42 4.37 15.84
N ALA A 269 10.56 5.01 14.69
CA ALA A 269 11.70 5.88 14.41
C ALA A 269 11.77 7.03 15.42
N ALA A 270 10.63 7.54 15.85
CA ALA A 270 10.59 8.61 16.86
C ALA A 270 10.43 8.04 18.28
N SER A 271 11.45 7.33 18.73
CA SER A 271 11.38 6.68 20.01
C SER A 271 12.74 6.77 20.67
N PRO A 272 12.81 7.35 21.89
CA PRO A 272 14.05 7.38 22.68
C PRO A 272 14.43 6.02 23.27
N ASN A 273 13.46 5.11 23.35
CA ASN A 273 13.58 3.86 24.07
C ASN A 273 13.94 2.70 23.12
N LYS A 274 14.80 2.97 22.14
CA LYS A 274 15.05 1.98 21.11
C LYS A 274 15.80 0.76 21.61
N GLU A 275 16.51 0.87 22.73
CA GLU A 275 17.25 -0.26 23.24
C GLU A 275 16.48 -1.00 24.33
N LEU A 276 15.53 -0.33 25.00
CA LEU A 276 14.55 -1.06 25.84
C LEU A 276 13.62 -1.88 24.97
N ALA A 277 13.21 -1.32 23.86
CA ALA A 277 12.30 -2.00 22.95
C ALA A 277 12.90 -3.29 22.36
N LYS A 278 14.22 -3.27 22.15
CA LYS A 278 14.95 -4.42 21.60
C LYS A 278 15.06 -5.48 22.66
N GLU A 279 15.37 -5.12 23.90
CA GLU A 279 15.46 -6.12 24.97
C GLU A 279 14.09 -6.72 25.26
N PHE A 280 13.07 -5.89 25.40
CA PHE A 280 11.72 -6.40 25.58
C PHE A 280 11.36 -7.40 24.46
N LEU A 281 11.64 -7.05 23.20
CA LEU A 281 11.24 -7.92 22.10
C LEU A 281 12.07 -9.21 22.05
N GLU A 282 13.38 -9.09 22.19
CA GLU A 282 14.26 -10.27 22.03
C GLU A 282 14.29 -11.15 23.27
N ASN A 283 14.27 -10.53 24.45
CA ASN A 283 14.58 -11.24 25.68
C ASN A 283 13.36 -11.53 26.55
N TYR A 284 12.17 -11.08 26.12
CA TYR A 284 10.94 -11.33 26.85
C TYR A 284 9.83 -11.89 25.95
N LEU A 285 9.54 -11.23 24.82
CA LEU A 285 8.46 -11.68 23.94
C LEU A 285 8.86 -12.88 23.12
N LEU A 286 9.99 -12.79 22.43
CA LEU A 286 10.46 -13.88 21.59
C LEU A 286 11.23 -14.92 22.41
N THR A 287 10.45 -15.59 23.25
CA THR A 287 10.91 -16.68 24.09
C THR A 287 9.70 -17.61 24.24
N ASP A 288 9.94 -18.84 24.65
CA ASP A 288 8.88 -19.82 24.84
C ASP A 288 7.85 -19.27 25.83
N GLU A 289 8.37 -18.70 26.93
CA GLU A 289 7.55 -18.09 27.98
C GLU A 289 6.61 -17.01 27.44
N GLY A 290 7.18 -15.94 26.87
CA GLY A 290 6.41 -14.78 26.40
C GLY A 290 5.43 -15.14 25.30
N LEU A 291 5.90 -15.83 24.28
CA LEU A 291 5.03 -16.27 23.20
C LEU A 291 3.86 -17.14 23.69
N GLU A 292 4.11 -18.04 24.64
CA GLU A 292 3.01 -18.79 25.23
C GLU A 292 1.96 -17.86 25.83
N ALA A 293 2.42 -16.87 26.61
CA ALA A 293 1.52 -15.94 27.28
C ALA A 293 0.50 -15.36 26.28
N VAL A 294 1.03 -14.84 25.17
CA VAL A 294 0.22 -14.27 24.10
C VAL A 294 -0.68 -15.35 23.52
N ASN A 295 -0.06 -16.46 23.10
CA ASN A 295 -0.76 -17.58 22.47
C ASN A 295 -1.89 -18.15 23.34
N LYS A 296 -1.66 -18.22 24.65
CA LYS A 296 -2.70 -18.64 25.58
C LYS A 296 -3.92 -17.73 25.45
N ASP A 297 -3.71 -16.42 25.40
CA ASP A 297 -4.81 -15.44 25.32
C ASP A 297 -5.52 -15.52 23.97
N LYS A 298 -4.74 -15.62 22.92
CA LYS A 298 -5.26 -15.75 21.57
C LYS A 298 -4.15 -16.43 20.80
N PRO A 299 -4.51 -17.41 19.96
CA PRO A 299 -3.41 -18.11 19.34
C PRO A 299 -2.75 -17.32 18.22
N LEU A 300 -1.43 -17.53 18.10
CA LEU A 300 -0.56 -16.74 17.21
C LEU A 300 -0.40 -17.34 15.84
N GLY A 301 -1.04 -18.49 15.60
CA GLY A 301 -0.75 -19.27 14.41
C GLY A 301 0.55 -20.01 14.67
N ALA A 302 1.44 -19.98 13.68
CA ALA A 302 2.68 -20.72 13.73
C ALA A 302 3.83 -19.80 14.06
N VAL A 303 4.31 -19.86 15.30
CA VAL A 303 5.34 -18.93 15.74
C VAL A 303 6.64 -19.07 14.96
N ALA A 304 7.32 -17.95 14.80
CA ALA A 304 8.56 -17.85 14.04
C ALA A 304 9.75 -18.24 14.91
N LEU A 305 9.54 -18.28 16.21
CA LEU A 305 10.52 -18.87 17.11
C LEU A 305 10.56 -20.38 16.89
N LYS A 306 11.69 -20.87 16.40
CA LYS A 306 11.88 -22.32 16.17
C LYS A 306 11.53 -23.10 17.43
N SER A 307 12.10 -22.68 18.56
CA SER A 307 12.04 -23.44 19.80
C SER A 307 10.65 -23.54 20.38
N TYR A 308 9.74 -22.66 20.00
CA TYR A 308 8.35 -22.78 20.43
C TYR A 308 7.47 -23.38 19.31
N GLU A 309 7.79 -23.12 18.03
CA GLU A 309 7.05 -23.74 16.90
C GLU A 309 7.08 -25.25 16.99
N GLU A 310 8.20 -25.81 17.44
CA GLU A 310 8.33 -27.24 17.70
C GLU A 310 7.29 -27.67 18.75
N GLU A 311 7.40 -27.12 19.97
CA GLU A 311 6.44 -27.38 21.06
C GLU A 311 4.95 -27.17 20.69
N LEU A 312 4.69 -26.57 19.53
CA LEU A 312 3.34 -26.18 19.15
C LEU A 312 2.77 -26.93 17.98
N ALA A 313 3.58 -27.28 16.98
CA ALA A 313 3.04 -27.81 15.72
C ALA A 313 2.46 -29.24 15.85
N LYS A 314 2.55 -29.85 17.02
CA LYS A 314 1.65 -30.95 17.37
C LYS A 314 0.15 -30.54 17.37
N ASP A 315 -0.15 -29.24 17.43
CA ASP A 315 -1.52 -28.73 17.34
C ASP A 315 -2.05 -29.06 15.96
N PRO A 316 -3.17 -29.78 15.89
CA PRO A 316 -3.72 -30.09 14.57
C PRO A 316 -4.33 -28.89 13.84
N ARG A 317 -4.34 -27.72 14.46
CA ARG A 317 -4.90 -26.49 13.84
C ARG A 317 -3.82 -25.64 13.18
N ILE A 318 -2.67 -25.54 13.84
CA ILE A 318 -1.47 -24.98 13.21
C ILE A 318 -1.13 -25.78 11.96
N ALA A 319 -1.24 -27.09 12.07
CA ALA A 319 -1.14 -27.97 10.91
C ALA A 319 -1.98 -27.49 9.74
N ALA A 320 -3.25 -27.21 10.01
CA ALA A 320 -4.23 -26.81 8.97
C ALA A 320 -4.00 -25.38 8.48
N THR A 321 -3.40 -24.58 9.34
CA THR A 321 -3.04 -23.23 8.99
C THR A 321 -1.88 -23.31 7.99
N MET A 322 -0.83 -24.06 8.36
CA MET A 322 0.30 -24.27 7.48
C MET A 322 -0.06 -24.91 6.17
N GLU A 323 -1.08 -25.77 6.17
CA GLU A 323 -1.52 -26.38 4.94
C GLU A 323 -2.02 -25.28 4.03
N ASN A 324 -2.93 -24.47 4.57
CA ASN A 324 -3.54 -23.37 3.82
C ASN A 324 -2.51 -22.31 3.51
N ALA A 325 -1.64 -22.01 4.47
CA ALA A 325 -0.52 -21.11 4.25
C ALA A 325 0.34 -21.49 3.01
N GLN A 326 0.73 -22.77 2.95
CA GLN A 326 1.43 -23.33 1.78
C GLN A 326 0.61 -23.24 0.47
N LYS A 327 -0.71 -23.37 0.58
CA LYS A 327 -1.59 -23.37 -0.61
C LYS A 327 -1.72 -22.00 -1.25
N GLY A 328 -1.45 -20.92 -0.50
CA GLY A 328 -1.47 -19.56 -1.02
C GLY A 328 -0.08 -18.93 -1.03
N GLU A 329 -0.04 -17.62 -1.24
CA GLU A 329 1.21 -16.87 -1.40
C GLU A 329 1.53 -16.14 -0.10
N ILE A 330 2.79 -15.82 0.14
CA ILE A 330 3.13 -14.90 1.22
C ILE A 330 2.77 -13.50 0.74
N MET A 331 2.44 -12.58 1.66
CA MET A 331 2.09 -11.21 1.28
C MET A 331 3.34 -10.41 0.93
N PRO A 332 3.24 -9.53 -0.10
CA PRO A 332 4.37 -8.62 -0.36
C PRO A 332 4.48 -7.54 0.71
N ASN A 333 5.70 -7.14 1.06
CA ASN A 333 5.86 -6.00 1.92
C ASN A 333 6.19 -4.74 1.10
N ILE A 334 5.73 -4.69 -0.14
CA ILE A 334 6.04 -3.52 -0.97
C ILE A 334 5.18 -2.34 -0.51
N PRO A 335 5.66 -1.10 -0.74
CA PRO A 335 4.94 0.09 -0.31
C PRO A 335 3.57 0.26 -0.97
N GLN A 336 3.46 -0.25 -2.19
CA GLN A 336 2.23 -0.17 -2.96
C GLN A 336 1.09 -1.02 -2.36
N MET A 337 1.34 -1.69 -1.24
CA MET A 337 0.35 -2.60 -0.68
C MET A 337 -0.86 -1.86 -0.12
N SER A 338 -0.65 -0.72 0.56
CA SER A 338 -1.78 0.03 1.16
C SER A 338 -2.77 0.43 0.07
N ALA A 339 -2.20 0.91 -1.03
CA ALA A 339 -2.96 1.21 -2.23
C ALA A 339 -3.78 0.01 -2.65
N PHE A 340 -3.07 -1.10 -2.88
CA PHE A 340 -3.73 -2.31 -3.33
C PHE A 340 -4.95 -2.65 -2.45
N TRP A 341 -4.80 -2.51 -1.14
CA TRP A 341 -5.81 -3.03 -0.24
C TRP A 341 -7.13 -2.24 -0.34
N TYR A 342 -7.07 -0.90 -0.36
CA TYR A 342 -8.29 -0.10 -0.50
C TYR A 342 -8.98 -0.41 -1.85
N ALA A 343 -8.16 -0.49 -2.90
CA ALA A 343 -8.65 -0.74 -4.25
C ALA A 343 -9.58 -1.92 -4.29
N VAL A 344 -9.13 -3.04 -3.71
CA VAL A 344 -9.95 -4.24 -3.66
C VAL A 344 -11.06 -4.11 -2.60
N ARG A 345 -10.75 -3.48 -1.46
CA ARG A 345 -11.72 -3.33 -0.34
C ARG A 345 -12.97 -2.69 -0.83
N THR A 346 -12.82 -1.60 -1.60
CA THR A 346 -13.98 -0.89 -2.13
C THR A 346 -14.61 -1.70 -3.27
N ALA A 347 -13.79 -2.34 -4.09
CA ALA A 347 -14.30 -3.25 -5.13
C ALA A 347 -15.31 -4.27 -4.58
N VAL A 348 -14.94 -4.98 -3.51
CA VAL A 348 -15.72 -6.10 -3.00
C VAL A 348 -17.13 -5.79 -2.50
N ILE A 349 -17.24 -4.80 -1.62
CA ILE A 349 -18.55 -4.30 -1.13
C ILE A 349 -19.56 -3.86 -2.21
N ASN A 350 -18.99 -3.25 -3.24
CA ASN A 350 -19.79 -2.70 -4.33
C ASN A 350 -20.47 -3.90 -4.96
N ALA A 351 -19.67 -4.87 -5.38
CA ALA A 351 -20.19 -6.11 -5.95
C ALA A 351 -21.22 -6.69 -4.98
N ALA A 352 -20.85 -6.77 -3.72
CA ALA A 352 -21.66 -7.41 -2.67
C ALA A 352 -23.01 -6.74 -2.44
N SER A 353 -23.03 -5.40 -2.38
CA SER A 353 -24.28 -4.65 -2.24
C SER A 353 -24.97 -4.43 -3.59
N GLY A 354 -24.38 -5.00 -4.65
CA GLY A 354 -24.99 -5.06 -5.97
C GLY A 354 -25.08 -3.70 -6.64
N ARG A 355 -24.30 -2.74 -6.14
CA ARG A 355 -24.42 -1.36 -6.60
C ARG A 355 -23.60 -1.24 -7.86
N GLN A 356 -22.32 -1.60 -7.81
CA GLN A 356 -21.53 -1.81 -9.02
C GLN A 356 -21.51 -3.30 -9.29
N THR A 357 -21.45 -3.66 -10.57
CA THR A 357 -21.26 -5.04 -10.97
C THR A 357 -19.76 -5.37 -10.97
N VAL A 358 -19.48 -6.67 -10.84
CA VAL A 358 -18.11 -7.18 -10.73
C VAL A 358 -17.15 -6.55 -11.72
N ASP A 359 -17.46 -6.62 -13.01
CA ASP A 359 -16.56 -6.10 -14.04
C ASP A 359 -16.24 -4.61 -13.81
N ALA A 360 -17.23 -3.84 -13.37
CA ALA A 360 -17.04 -2.40 -13.18
C ALA A 360 -16.15 -2.15 -11.97
N ALA A 361 -16.60 -2.67 -10.82
CA ALA A 361 -15.93 -2.49 -9.54
C ALA A 361 -14.49 -2.98 -9.56
N LEU A 362 -14.28 -4.07 -10.29
CA LEU A 362 -12.98 -4.71 -10.36
C LEU A 362 -12.04 -3.95 -11.31
N ALA A 363 -12.58 -3.52 -12.45
CA ALA A 363 -11.83 -2.67 -13.39
C ALA A 363 -11.38 -1.42 -12.68
N ALA A 364 -12.30 -0.88 -11.87
CA ALA A 364 -12.04 0.29 -11.03
C ALA A 364 -10.86 0.04 -10.12
N ALA A 365 -10.94 -1.03 -9.35
CA ALA A 365 -9.85 -1.43 -8.49
C ALA A 365 -8.52 -1.46 -9.23
N GLN A 366 -8.49 -2.09 -10.40
CA GLN A 366 -7.25 -2.21 -11.14
C GLN A 366 -6.44 -0.92 -11.13
N THR A 367 -7.11 0.16 -11.45
CA THR A 367 -6.45 1.45 -11.57
C THR A 367 -6.32 2.11 -10.20
N ASN A 368 -7.34 1.98 -9.34
CA ASN A 368 -7.28 2.59 -7.98
C ASN A 368 -6.11 2.06 -7.15
N ALA A 369 -5.72 0.82 -7.43
CA ALA A 369 -4.51 0.24 -6.88
C ALA A 369 -3.20 1.06 -7.11
N ALA A 370 -3.21 2.00 -8.04
CA ALA A 370 -2.03 2.81 -8.27
C ALA A 370 -2.09 4.11 -7.50
N ALA A 371 -3.14 4.29 -6.69
CA ALA A 371 -3.41 5.56 -6.00
C ALA A 371 -2.49 5.76 -4.80
N ASN A 372 -1.19 5.55 -5.00
CA ASN A 372 -0.24 5.55 -3.92
C ASN A 372 0.09 6.98 -3.70
N SER A 373 0.54 7.26 -2.49
CA SER A 373 1.24 8.50 -2.21
C SER A 373 2.71 8.23 -2.47
N VAL A 374 3.49 9.28 -2.33
CA VAL A 374 4.92 9.23 -2.49
C VAL A 374 5.49 8.63 -1.22
N GLY A 375 4.91 9.01 -0.09
CA GLY A 375 5.13 8.36 1.20
C GLY A 375 3.97 7.44 1.42
N GLU A 376 4.19 6.17 1.14
CA GLU A 376 3.10 5.20 0.94
C GLU A 376 2.45 4.83 2.26
N ALA A 377 3.17 5.06 3.36
CA ALA A 377 2.56 5.11 4.68
C ALA A 377 1.44 6.16 4.77
N CYS A 378 1.49 7.18 3.92
CA CYS A 378 0.47 8.23 3.90
C CYS A 378 -0.64 8.00 2.88
N THR A 379 -0.61 6.89 2.16
CA THR A 379 -1.56 6.64 1.08
C THR A 379 -3.00 6.68 1.58
N ASP A 380 -3.22 6.19 2.80
CA ASP A 380 -4.55 6.23 3.38
C ASP A 380 -4.98 7.68 3.74
N MET A 381 -4.09 8.43 4.38
CA MET A 381 -4.38 9.82 4.70
C MET A 381 -4.64 10.63 3.43
N LYS A 382 -3.82 10.39 2.40
CA LYS A 382 -3.96 11.01 1.07
C LYS A 382 -5.32 10.79 0.48
N ARG A 383 -5.81 9.56 0.55
CA ARG A 383 -7.16 9.28 0.07
C ARG A 383 -8.17 10.17 0.78
N GLU A 384 -8.13 10.19 2.10
CA GLU A 384 -9.17 10.91 2.86
C GLU A 384 -9.16 12.43 2.60
N TYR A 385 -7.97 13.01 2.51
CA TYR A 385 -7.81 14.42 2.18
C TYR A 385 -8.31 14.76 0.78
N ASP A 386 -7.95 13.93 -0.20
CA ASP A 386 -8.38 14.09 -1.58
C ASP A 386 -9.88 13.90 -1.71
N GLN A 387 -10.39 12.81 -1.15
CA GLN A 387 -11.85 12.59 -1.15
C GLN A 387 -12.59 13.79 -0.54
N CYS A 388 -11.95 14.49 0.40
CA CYS A 388 -12.51 15.68 0.99
C CYS A 388 -12.43 16.92 0.11
N PHE A 389 -11.30 17.10 -0.54
CA PHE A 389 -11.06 18.25 -1.41
C PHE A 389 -11.94 18.21 -2.68
N ASN A 390 -12.05 17.05 -3.31
CA ASN A 390 -12.86 16.92 -4.53
C ASN A 390 -14.35 17.15 -4.27
N ARG A 391 -14.82 16.80 -3.06
CA ARG A 391 -16.18 17.16 -2.62
C ARG A 391 -16.28 18.68 -2.45
N TRP A 392 -15.26 19.29 -1.82
CA TRP A 392 -15.27 20.74 -1.53
C TRP A 392 -15.16 21.55 -2.76
N PHE A 393 -14.07 21.33 -3.49
CA PHE A 393 -13.71 22.07 -4.69
C PHE A 393 -14.96 22.20 -5.55
N ALA A 394 -15.56 21.06 -5.90
CA ALA A 394 -16.78 21.08 -6.68
C ALA A 394 -17.90 21.81 -5.92
N GLU A 395 -18.38 21.25 -4.81
CA GLU A 395 -19.56 21.81 -4.10
C GLU A 395 -19.38 23.26 -3.58
N LYS A 396 -18.26 23.55 -2.91
CA LYS A 396 -18.06 24.86 -2.29
C LYS A 396 -17.28 25.85 -3.19
N PHE A 397 -15.98 25.63 -3.38
CA PHE A 397 -15.06 26.65 -3.93
C PHE A 397 -15.39 27.21 -5.31
N LEU A 398 -15.73 26.32 -6.25
CA LEU A 398 -16.04 26.74 -7.62
C LEU A 398 -17.36 27.47 -7.69
N LYS A 399 -18.30 27.08 -6.84
CA LYS A 399 -19.57 27.78 -6.65
C LYS A 399 -19.40 29.13 -5.90
N GLY A 400 -18.19 29.41 -5.43
CA GLY A 400 -17.87 30.69 -4.80
C GLY A 400 -18.39 30.79 -3.38
N ASP A 401 -18.29 29.69 -2.64
CA ASP A 401 -18.75 29.64 -1.25
C ASP A 401 -17.67 29.19 -0.30
N SER A 402 -16.42 29.14 -0.76
CA SER A 402 -15.31 28.87 0.15
C SER A 402 -15.32 29.94 1.26
N SER A 403 -14.97 29.55 2.47
CA SER A 403 -14.70 30.50 3.56
C SER A 403 -13.22 30.49 4.00
N GLY A 404 -12.41 29.67 3.35
CA GLY A 404 -11.00 29.52 3.71
C GLY A 404 -10.40 28.23 3.14
N ASP A 405 -9.14 27.95 3.46
CA ASP A 405 -8.42 26.79 2.94
C ASP A 405 -9.12 25.47 3.32
N PRO A 406 -9.14 24.49 2.40
CA PRO A 406 -10.02 23.34 2.52
C PRO A 406 -9.45 22.12 3.27
N CYS A 407 -10.34 21.38 3.95
CA CYS A 407 -10.02 20.11 4.64
C CYS A 407 -8.69 20.22 5.37
N THR A 408 -8.64 21.20 6.25
CA THR A 408 -7.37 21.66 6.79
C THR A 408 -6.79 20.64 7.78
N ASP A 409 -7.66 19.84 8.40
CA ASP A 409 -7.23 18.92 9.44
C ASP A 409 -6.82 17.57 8.88
N LEU A 410 -7.54 17.09 7.90
CA LEU A 410 -7.06 15.95 7.14
C LEU A 410 -5.73 16.34 6.45
N PHE A 411 -5.64 17.57 5.94
CA PHE A 411 -4.42 17.99 5.27
C PHE A 411 -3.23 18.08 6.22
N LYS A 412 -3.45 18.55 7.46
CA LYS A 412 -2.37 18.84 8.42
C LYS A 412 -1.42 17.68 8.60
N ARG A 413 -1.99 16.54 8.98
CA ARG A 413 -1.20 15.34 9.27
C ARG A 413 -0.60 14.77 7.98
N TYR A 414 -1.45 14.57 6.97
CA TYR A 414 -1.03 14.11 5.63
C TYR A 414 0.24 14.82 5.14
N GLN A 415 0.25 16.15 5.28
CA GLN A 415 1.43 16.95 4.92
C GLN A 415 2.68 16.48 5.66
N GLN A 416 2.52 16.21 6.94
CA GLN A 416 3.65 15.79 7.74
C GLN A 416 4.19 14.42 7.36
N CYS A 417 3.30 13.50 7.01
CA CYS A 417 3.74 12.18 6.65
C CYS A 417 4.60 12.27 5.39
N VAL A 418 4.05 12.93 4.40
CA VAL A 418 4.72 13.13 3.12
C VAL A 418 6.04 13.85 3.33
N GLN A 419 6.05 14.85 4.19
CA GLN A 419 7.27 15.58 4.44
C GLN A 419 8.33 14.67 5.04
N LYS A 420 7.92 13.84 5.99
CA LYS A 420 8.86 12.93 6.61
C LYS A 420 9.32 11.93 5.57
N ALA A 421 8.39 11.48 4.75
CA ALA A 421 8.70 10.51 3.73
C ALA A 421 9.65 11.03 2.69
N ILE A 422 9.52 12.30 2.33
CA ILE A 422 10.42 12.92 1.37
C ILE A 422 11.84 12.89 1.85
N LYS A 423 12.03 13.23 3.12
CA LYS A 423 13.37 13.24 3.70
C LYS A 423 13.90 11.82 3.57
N GLU A 424 13.11 10.85 3.97
CA GLU A 424 13.56 9.46 3.94
C GLU A 424 13.87 9.03 2.53
N LYS A 425 12.97 9.35 1.61
CA LYS A 425 13.24 9.12 0.19
C LYS A 425 14.23 10.09 -0.44
N GLU A 426 14.54 11.18 0.27
CA GLU A 426 15.60 12.10 -0.14
C GLU A 426 15.33 12.85 -1.45
N ILE A 427 14.09 13.28 -1.66
CA ILE A 427 13.77 14.06 -2.86
C ILE A 427 14.11 15.52 -2.55
N PRO A 428 14.48 16.31 -3.57
CA PRO A 428 14.73 17.73 -3.35
C PRO A 428 13.66 18.64 -3.94
N ILE A 429 13.08 19.50 -3.12
CA ILE A 429 12.06 20.42 -3.61
C ILE A 429 12.32 21.89 -3.39
N GLU A 430 11.45 22.74 -3.96
CA GLU A 430 11.60 24.18 -3.84
C GLU A 430 10.81 24.59 -2.61
N ASP B 12 16.87 34.74 -24.78
CA ASP B 12 16.64 33.61 -23.83
C ASP B 12 15.31 32.82 -23.97
N LYS B 13 14.71 32.81 -25.16
CA LYS B 13 13.43 32.10 -25.41
C LYS B 13 13.51 31.14 -26.61
N MET B 14 13.00 29.92 -26.42
CA MET B 14 12.87 28.92 -27.47
C MET B 14 11.84 27.81 -27.15
N LYS B 15 10.58 28.07 -27.48
CA LYS B 15 9.52 27.14 -27.10
C LYS B 15 9.50 25.97 -28.06
N ILE B 16 10.21 24.91 -27.70
CA ILE B 16 10.37 23.74 -28.58
C ILE B 16 9.05 23.24 -29.09
N TRP B 17 7.97 23.61 -28.41
CA TRP B 17 6.66 23.31 -28.88
C TRP B 17 5.62 24.30 -28.35
N THR B 18 4.38 24.16 -28.83
CA THR B 18 3.23 24.98 -28.48
C THR B 18 1.98 24.43 -29.15
N SER B 19 0.86 24.38 -28.43
CA SER B 19 -0.35 23.71 -28.89
C SER B 19 -1.64 24.22 -28.29
N GLU B 20 -2.69 24.20 -29.08
CA GLU B 20 -4.00 24.60 -28.62
C GLU B 20 -4.98 23.49 -28.93
N HIS B 21 -5.73 23.05 -27.94
CA HIS B 21 -6.77 22.08 -28.18
C HIS B 21 -8.06 22.34 -27.45
N VAL B 22 -9.11 21.66 -27.88
CA VAL B 22 -10.45 21.88 -27.33
C VAL B 22 -11.08 20.62 -26.78
N PHE B 23 -11.66 20.73 -25.58
CA PHE B 23 -12.42 19.65 -24.97
C PHE B 23 -13.87 19.98 -25.17
N ASP B 24 -14.68 18.94 -25.35
CA ASP B 24 -16.12 19.14 -25.45
C ASP B 24 -16.76 18.97 -24.08
N HIS B 25 -16.26 19.75 -23.13
CA HIS B 25 -16.73 19.68 -21.76
C HIS B 25 -16.55 21.04 -21.10
N PRO B 26 -17.45 21.42 -20.18
CA PRO B 26 -17.39 22.72 -19.54
C PRO B 26 -16.26 22.83 -18.56
N TRP B 27 -15.62 23.99 -18.54
CA TRP B 27 -14.45 24.23 -17.72
C TRP B 27 -14.62 23.74 -16.29
N GLU B 28 -15.77 23.98 -15.69
CA GLU B 28 -16.01 23.45 -14.34
C GLU B 28 -15.60 21.98 -14.26
N THR B 29 -16.02 21.18 -15.24
CA THR B 29 -15.82 19.72 -15.13
C THR B 29 -14.41 19.34 -15.58
N VAL B 30 -13.89 20.01 -16.59
CA VAL B 30 -12.48 19.80 -17.03
C VAL B 30 -11.52 20.10 -15.89
N THR B 31 -11.80 21.13 -15.12
CA THR B 31 -10.93 21.56 -14.05
C THR B 31 -11.04 20.59 -12.89
N THR B 32 -12.28 20.27 -12.49
CA THR B 32 -12.54 19.27 -11.46
C THR B 32 -11.80 18.00 -11.82
N ALA B 33 -11.92 17.57 -13.08
CA ALA B 33 -11.31 16.31 -13.49
C ALA B 33 -9.81 16.41 -13.52
N ALA B 34 -9.28 17.58 -13.83
CA ALA B 34 -7.83 17.76 -13.84
C ALA B 34 -7.25 17.65 -12.44
N MET B 35 -8.03 18.05 -11.44
CA MET B 35 -7.56 17.95 -10.08
C MET B 35 -7.39 16.49 -9.68
N GLN B 36 -8.28 15.62 -10.13
CA GLN B 36 -8.22 14.19 -9.77
C GLN B 36 -7.77 13.34 -10.96
N LYS B 37 -6.74 13.83 -11.66
CA LYS B 37 -6.32 13.21 -12.92
C LYS B 37 -5.66 11.86 -12.70
N TYR B 38 -4.86 11.76 -11.65
CA TYR B 38 -4.12 10.53 -11.43
C TYR B 38 -4.65 9.80 -10.23
N PRO B 39 -4.73 8.48 -10.33
CA PRO B 39 -4.06 7.71 -11.38
C PRO B 39 -5.08 7.26 -12.41
N ASN B 40 -4.61 7.02 -13.62
CA ASN B 40 -5.51 6.63 -14.71
C ASN B 40 -4.82 5.65 -15.64
N PRO B 41 -5.62 4.97 -16.47
CA PRO B 41 -5.09 3.95 -17.35
C PRO B 41 -4.18 4.52 -18.45
N MET B 42 -4.47 5.72 -18.95
CA MET B 42 -3.64 6.25 -20.03
C MET B 42 -2.27 6.72 -19.57
N ASN B 43 -2.07 6.90 -18.27
CA ASN B 43 -0.78 7.28 -17.74
C ASN B 43 -0.33 6.33 -16.62
N PRO B 44 -0.12 5.05 -16.95
CA PRO B 44 0.22 4.10 -15.88
C PRO B 44 1.63 4.29 -15.33
N SER B 45 2.46 5.08 -15.99
CA SER B 45 3.77 5.41 -15.45
C SER B 45 3.75 6.39 -14.27
N VAL B 46 2.62 7.09 -14.05
CA VAL B 46 2.43 7.97 -12.85
C VAL B 46 1.88 7.15 -11.67
N VAL B 47 2.76 6.88 -10.72
CA VAL B 47 2.48 5.91 -9.67
C VAL B 47 2.21 6.55 -8.31
N GLY B 48 2.72 7.77 -8.11
CA GLY B 48 2.43 8.52 -6.89
C GLY B 48 2.25 10.02 -7.12
N VAL B 49 1.09 10.55 -6.74
CA VAL B 49 0.86 11.99 -6.76
C VAL B 49 0.47 12.49 -5.38
N ASP B 50 1.13 13.55 -4.93
CA ASP B 50 0.88 14.13 -3.63
C ASP B 50 0.78 15.65 -3.72
N VAL B 51 -0.25 16.21 -3.07
CA VAL B 51 -0.36 17.66 -2.85
C VAL B 51 0.49 18.08 -1.65
N LEU B 52 1.60 18.75 -1.92
CA LEU B 52 2.51 19.28 -0.91
C LEU B 52 1.93 20.48 -0.17
N ASP B 53 1.34 21.44 -0.89
CA ASP B 53 0.67 22.59 -0.26
C ASP B 53 -0.43 23.13 -1.16
N ARG B 54 -1.42 23.75 -0.52
CA ARG B 54 -2.55 24.32 -1.19
C ARG B 54 -3.01 25.55 -0.38
N HIS B 55 -3.16 26.68 -1.05
CA HIS B 55 -3.59 27.92 -0.41
C HIS B 55 -4.58 28.64 -1.33
N ILE B 56 -5.59 29.26 -0.73
CA ILE B 56 -6.37 30.26 -1.42
C ILE B 56 -5.68 31.59 -1.07
N ASP B 57 -5.33 32.39 -2.07
CA ASP B 57 -4.52 33.62 -1.85
C ASP B 57 -5.43 34.82 -1.59
N PRO B 58 -4.84 35.99 -1.30
CA PRO B 58 -5.66 37.16 -1.00
C PRO B 58 -6.68 37.50 -2.07
N SER B 59 -6.34 37.24 -3.34
CA SER B 59 -7.26 37.50 -4.48
C SER B 59 -8.29 36.40 -4.73
N GLY B 60 -8.21 35.29 -4.01
CA GLY B 60 -9.21 34.24 -4.10
C GLY B 60 -8.78 33.12 -5.02
N LYS B 61 -7.51 33.14 -5.44
CA LYS B 61 -6.98 32.14 -6.36
C LYS B 61 -6.48 30.90 -5.60
N LEU B 62 -7.03 29.73 -5.92
CA LEU B 62 -6.54 28.48 -5.33
C LEU B 62 -5.21 28.06 -5.92
N HIS B 63 -4.23 27.87 -5.06
CA HIS B 63 -2.91 27.46 -5.47
C HIS B 63 -2.66 26.05 -5.08
N SER B 64 -2.27 25.21 -6.01
CA SER B 64 -1.89 23.85 -5.65
C SER B 64 -0.48 23.53 -6.06
N HIS B 65 0.30 22.96 -5.15
CA HIS B 65 1.63 22.51 -5.49
C HIS B 65 1.55 21.03 -5.35
N ARG B 66 1.87 20.29 -6.39
CA ARG B 66 1.78 18.84 -6.35
C ARG B 66 3.09 18.19 -6.75
N LEU B 67 3.33 16.99 -6.24
CA LEU B 67 4.53 16.29 -6.62
C LEU B 67 4.16 15.00 -7.29
N LEU B 68 4.72 14.77 -8.47
CA LEU B 68 4.50 13.53 -9.15
C LEU B 68 5.70 12.61 -9.26
N SER B 69 5.50 11.35 -8.89
CA SER B 69 6.51 10.33 -9.03
C SER B 69 6.20 9.42 -10.22
N THR B 70 7.15 9.31 -11.13
CA THR B 70 6.98 8.49 -12.30
C THR B 70 8.00 7.39 -12.44
N GLU B 71 7.54 6.18 -12.78
CA GLU B 71 8.43 5.06 -12.93
C GLU B 71 8.51 4.73 -14.38
N TRP B 72 9.69 4.86 -14.96
CA TRP B 72 9.86 4.58 -16.39
C TRP B 72 9.67 3.11 -16.70
N GLY B 73 9.00 2.84 -17.82
CA GLY B 73 8.71 1.48 -18.22
C GLY B 73 9.79 0.71 -18.95
N LEU B 74 10.76 0.24 -18.17
CA LEU B 74 11.84 -0.59 -18.66
C LEU B 74 11.89 -1.89 -17.85
N PRO B 75 10.84 -2.70 -18.00
CA PRO B 75 10.69 -3.94 -17.24
C PRO B 75 11.41 -5.17 -17.78
N SER B 76 12.74 -5.13 -17.79
CA SER B 76 13.49 -6.32 -18.17
C SER B 76 14.52 -6.57 -17.07
N ILE B 77 15.26 -5.51 -16.76
CA ILE B 77 16.29 -5.53 -15.73
C ILE B 77 15.90 -4.69 -14.53
N VAL B 78 14.61 -4.40 -14.40
CA VAL B 78 14.16 -3.53 -13.33
C VAL B 78 14.49 -4.06 -11.94
N LYS B 79 14.35 -5.36 -11.73
CA LYS B 79 14.66 -5.88 -10.41
C LYS B 79 16.13 -5.64 -10.10
N SER B 80 17.01 -5.92 -11.07
CA SER B 80 18.43 -5.68 -10.89
C SER B 80 18.74 -4.20 -10.78
N LEU B 81 18.13 -3.42 -11.66
CA LEU B 81 18.34 -1.98 -11.70
C LEU B 81 17.98 -1.15 -10.48
N ILE B 82 16.81 -1.42 -9.90
CA ILE B 82 16.38 -0.65 -8.74
C ILE B 82 17.20 -0.89 -7.46
N GLY B 83 17.81 -2.07 -7.37
CA GLY B 83 18.65 -2.36 -6.22
C GLY B 83 19.79 -1.37 -6.32
N ALA B 84 20.34 -1.23 -7.52
CA ALA B 84 21.45 -0.30 -7.74
C ALA B 84 21.05 1.17 -7.56
N ALA B 85 19.89 1.54 -8.09
CA ALA B 85 19.40 2.91 -7.99
C ALA B 85 17.89 3.01 -8.20
N ARG B 86 17.28 4.09 -7.72
CA ARG B 86 15.84 4.26 -7.89
C ARG B 86 15.45 4.43 -9.35
N THR B 87 14.31 3.85 -9.70
CA THR B 87 13.78 3.91 -11.06
C THR B 87 12.70 4.97 -11.22
N LYS B 88 12.53 5.80 -10.20
CA LYS B 88 11.48 6.82 -10.24
C LYS B 88 11.96 8.25 -10.48
N THR B 89 11.30 8.91 -11.43
CA THR B 89 11.54 10.29 -11.76
C THR B 89 10.47 11.15 -11.13
N TYR B 90 10.86 12.35 -10.72
CA TYR B 90 9.96 13.25 -10.01
C TYR B 90 9.79 14.58 -10.75
N VAL B 91 8.55 15.04 -10.83
CA VAL B 91 8.23 16.35 -11.43
C VAL B 91 7.43 17.10 -10.37
N GLN B 92 7.77 18.37 -10.20
CA GLN B 92 7.05 19.27 -9.32
C GLN B 92 6.10 20.06 -10.17
N GLU B 93 5.01 20.51 -9.57
CA GLU B 93 3.89 21.07 -10.31
C GLU B 93 3.30 22.24 -9.54
N HIS B 94 2.93 23.32 -10.23
CA HIS B 94 2.23 24.45 -9.60
C HIS B 94 1.02 24.82 -10.47
N SER B 95 -0.16 24.79 -9.85
CA SER B 95 -1.43 25.14 -10.51
C SER B 95 -2.12 26.29 -9.78
N VAL B 96 -2.82 27.11 -10.55
CA VAL B 96 -3.60 28.23 -10.00
C VAL B 96 -4.99 28.21 -10.62
N VAL B 97 -6.02 28.21 -9.76
CA VAL B 97 -7.42 28.27 -10.21
C VAL B 97 -8.09 29.60 -9.81
N ASP B 98 -8.52 30.37 -10.81
CA ASP B 98 -9.35 31.55 -10.61
C ASP B 98 -10.80 31.17 -10.89
N PRO B 99 -11.66 31.14 -9.87
CA PRO B 99 -13.05 30.68 -10.06
C PRO B 99 -14.04 31.71 -10.62
N VAL B 100 -13.63 32.98 -10.69
CA VAL B 100 -14.46 34.05 -11.23
C VAL B 100 -14.17 34.14 -12.73
N GLU B 101 -12.89 34.31 -13.11
CA GLU B 101 -12.49 34.48 -14.50
C GLU B 101 -12.35 33.14 -15.20
N LYS B 102 -12.45 32.06 -14.44
CA LYS B 102 -12.48 30.68 -14.95
C LYS B 102 -11.23 30.30 -15.73
N THR B 103 -10.08 30.44 -15.10
CA THR B 103 -8.82 30.00 -15.68
C THR B 103 -8.10 29.06 -14.73
N MET B 104 -7.45 28.04 -15.30
CA MET B 104 -6.61 27.12 -14.57
C MET B 104 -5.24 27.01 -15.21
N GLU B 105 -4.24 27.67 -14.63
CA GLU B 105 -2.86 27.59 -15.10
C GLU B 105 -2.20 26.35 -14.48
N LEU B 106 -1.08 25.91 -15.03
CA LEU B 106 -0.36 24.74 -14.52
C LEU B 106 1.06 24.75 -15.07
N LYS B 107 2.03 25.09 -14.22
CA LYS B 107 3.43 25.15 -14.62
C LYS B 107 4.09 23.98 -13.95
N SER B 108 4.75 23.13 -14.73
CA SER B 108 5.41 21.95 -14.18
C SER B 108 6.85 21.78 -14.71
N THR B 109 7.77 21.45 -13.80
CA THR B 109 9.15 21.09 -14.15
C THR B 109 9.41 19.68 -13.64
N ASN B 110 10.35 19.00 -14.28
CA ASN B 110 10.93 17.79 -13.70
C ASN B 110 11.89 18.26 -12.61
N ILE B 111 11.91 17.59 -11.45
CA ILE B 111 12.98 17.87 -10.49
C ILE B 111 14.15 16.90 -10.56
N SER B 112 13.94 15.77 -11.22
CA SER B 112 14.89 14.65 -11.19
C SER B 112 16.25 14.86 -11.81
N PHE B 113 16.30 15.56 -12.93
CA PHE B 113 17.56 15.79 -13.57
C PHE B 113 17.70 17.21 -14.00
N THR B 114 17.17 18.12 -13.19
CA THR B 114 17.22 19.53 -13.53
C THR B 114 18.60 20.16 -13.49
N ASN B 115 19.54 19.54 -12.79
CA ASN B 115 20.87 20.13 -12.84
C ASN B 115 21.34 20.00 -14.28
N MET B 116 21.17 18.80 -14.84
CA MET B 116 21.53 18.49 -16.22
C MET B 116 20.65 19.06 -17.34
N VAL B 117 19.34 18.96 -17.16
CA VAL B 117 18.36 19.39 -18.16
C VAL B 117 17.08 19.85 -17.49
N SER B 118 16.27 20.64 -18.18
CA SER B 118 15.02 21.08 -17.55
C SER B 118 13.84 21.35 -18.47
N VAL B 119 13.05 20.33 -18.70
CA VAL B 119 11.82 20.49 -19.45
C VAL B 119 10.79 21.20 -18.55
N ASP B 120 10.06 22.15 -19.15
CA ASP B 120 9.07 22.96 -18.45
C ASP B 120 7.83 23.10 -19.32
N GLU B 121 6.68 22.69 -18.79
CA GLU B 121 5.41 22.75 -19.51
C GLU B 121 4.40 23.69 -18.85
N ARG B 122 3.77 24.54 -19.66
CA ARG B 122 2.77 25.47 -19.14
C ARG B 122 1.42 25.23 -19.82
N LEU B 123 0.35 25.12 -19.04
CA LEU B 123 -0.98 24.82 -19.58
C LEU B 123 -2.03 25.76 -19.04
N ILE B 124 -2.98 26.20 -19.88
CA ILE B 124 -4.08 27.03 -19.40
C ILE B 124 -5.42 26.57 -19.93
N TYR B 125 -6.38 26.41 -19.02
CA TYR B 125 -7.73 26.01 -19.36
C TYR B 125 -8.66 27.17 -19.08
N LYS B 126 -9.22 27.76 -20.14
CA LYS B 126 -10.30 28.74 -20.01
C LYS B 126 -11.44 28.20 -20.84
N PRO B 127 -12.70 28.65 -20.58
CA PRO B 127 -13.82 28.29 -21.46
C PRO B 127 -13.68 28.77 -22.91
N HIS B 128 -14.43 28.13 -23.81
CA HIS B 128 -14.29 28.43 -25.22
C HIS B 128 -14.97 29.73 -25.57
N PRO B 129 -14.20 30.71 -26.09
CA PRO B 129 -14.80 32.02 -26.38
C PRO B 129 -16.19 31.93 -27.05
N GLN B 130 -16.35 31.03 -28.01
CA GLN B 130 -17.62 30.88 -28.73
C GLN B 130 -18.67 30.04 -28.02
N ASP B 131 -18.27 29.15 -27.11
CA ASP B 131 -19.19 28.22 -26.47
C ASP B 131 -18.71 27.85 -25.08
N PRO B 132 -19.25 28.50 -24.03
CA PRO B 132 -18.87 28.22 -22.64
C PRO B 132 -18.89 26.74 -22.25
N GLU B 133 -19.71 25.96 -22.91
CA GLU B 133 -19.70 24.51 -22.71
C GLU B 133 -18.39 23.82 -23.08
N LYS B 134 -17.73 24.28 -24.14
CA LYS B 134 -16.43 23.72 -24.48
C LYS B 134 -15.32 24.39 -23.66
N THR B 135 -14.19 23.70 -23.56
CA THR B 135 -13.01 24.22 -22.86
C THR B 135 -11.78 24.20 -23.76
N VAL B 136 -11.01 25.27 -23.69
CA VAL B 136 -9.83 25.46 -24.52
C VAL B 136 -8.62 25.17 -23.69
N LEU B 137 -7.67 24.44 -24.24
CA LEU B 137 -6.40 24.17 -23.60
C LEU B 137 -5.23 24.63 -24.47
N THR B 138 -4.57 25.71 -24.09
CA THR B 138 -3.32 26.04 -24.76
C THR B 138 -2.16 25.55 -23.93
N GLN B 139 -1.05 25.26 -24.63
CA GLN B 139 0.06 24.45 -24.11
C GLN B 139 1.41 24.87 -24.70
N GLU B 140 2.42 24.99 -23.85
CA GLU B 140 3.78 25.32 -24.28
C GLU B 140 4.70 24.24 -23.76
N ALA B 141 5.97 24.33 -24.12
CA ALA B 141 6.99 23.49 -23.54
C ALA B 141 8.34 24.05 -23.89
N ILE B 142 9.20 24.15 -22.89
CA ILE B 142 10.54 24.64 -23.10
C ILE B 142 11.49 23.56 -22.64
N ILE B 143 12.36 23.12 -23.53
CA ILE B 143 13.51 22.33 -23.15
C ILE B 143 14.69 23.29 -22.94
N THR B 144 15.36 23.15 -21.81
CA THR B 144 16.56 23.91 -21.54
C THR B 144 17.60 22.92 -21.18
N VAL B 145 18.49 22.61 -22.12
CA VAL B 145 19.54 21.61 -21.87
C VAL B 145 20.57 22.01 -20.81
N LYS B 146 21.00 23.26 -20.88
CA LYS B 146 21.95 23.83 -19.94
C LYS B 146 21.60 25.29 -19.71
N GLY B 147 20.35 25.63 -19.95
CA GLY B 147 19.92 27.01 -19.84
C GLY B 147 20.21 27.58 -21.21
N VAL B 148 20.75 26.70 -22.05
CA VAL B 148 21.08 26.99 -23.43
C VAL B 148 20.07 26.12 -24.20
N SER B 149 19.53 26.61 -25.30
CA SER B 149 18.57 25.79 -26.02
C SER B 149 19.16 24.44 -26.41
N LEU B 150 18.28 23.46 -26.62
CA LEU B 150 18.68 22.13 -27.01
C LEU B 150 19.53 22.20 -28.24
N SER B 151 19.07 23.01 -29.20
CA SER B 151 19.76 23.19 -30.46
C SER B 151 21.12 23.78 -30.32
N SER B 152 21.23 24.85 -29.54
CA SER B 152 22.54 25.48 -29.33
C SER B 152 23.49 24.47 -28.70
N TYR B 153 23.05 23.84 -27.60
CA TYR B 153 23.88 22.90 -26.87
C TYR B 153 24.36 21.78 -27.78
N LEU B 154 23.41 21.15 -28.48
CA LEU B 154 23.73 20.02 -29.35
C LEU B 154 24.71 20.39 -30.46
N GLU B 155 24.52 21.54 -31.10
CA GLU B 155 25.52 22.07 -32.06
C GLU B 155 26.86 22.35 -31.38
N GLY B 156 26.81 22.96 -30.20
CA GLY B 156 28.00 23.34 -29.44
C GLY B 156 28.89 22.13 -29.20
N LEU B 157 28.29 20.97 -28.93
CA LEU B 157 29.03 19.72 -28.79
C LEU B 157 29.81 19.44 -30.03
N MET B 158 29.18 19.64 -31.19
CA MET B 158 29.82 19.37 -32.45
C MET B 158 31.05 20.24 -32.60
N ALA B 159 30.92 21.54 -32.38
CA ALA B 159 32.13 22.36 -32.21
C ALA B 159 33.19 21.63 -31.35
N SER B 160 32.86 21.43 -30.08
CA SER B 160 33.74 20.75 -29.14
C SER B 160 34.54 19.61 -29.76
N THR B 161 33.89 18.55 -30.21
CA THR B 161 34.61 17.35 -30.65
C THR B 161 35.14 17.45 -32.08
N ILE B 162 34.37 18.08 -32.97
CA ILE B 162 34.83 18.30 -34.34
C ILE B 162 36.19 19.00 -34.31
N SER B 163 36.25 20.19 -33.73
CA SER B 163 37.52 20.89 -33.57
C SER B 163 38.58 20.11 -32.81
N SER B 164 38.13 19.32 -31.84
CA SER B 164 39.03 18.50 -31.04
C SER B 164 39.70 17.46 -31.91
N ASN B 165 38.90 16.75 -32.72
CA ASN B 165 39.43 15.75 -33.66
C ASN B 165 40.28 16.43 -34.72
N ALA B 166 39.77 17.52 -35.28
CA ALA B 166 40.60 18.39 -36.11
C ALA B 166 42.01 18.67 -35.51
N SER B 167 42.06 18.91 -34.20
CA SER B 167 43.32 19.23 -33.54
C SER B 167 44.25 18.03 -33.42
N LYS B 168 43.68 16.81 -33.37
CA LYS B 168 44.47 15.56 -33.39
C LYS B 168 45.11 15.36 -34.77
N GLY B 169 44.30 15.51 -35.83
CA GLY B 169 44.78 15.45 -37.22
C GLY B 169 45.98 16.35 -37.52
N ARG B 170 46.02 17.50 -36.89
CA ARG B 170 47.14 18.40 -37.06
C ARG B 170 48.38 17.94 -36.30
N GLU B 171 48.20 17.23 -35.20
CA GLU B 171 49.34 16.58 -34.56
C GLU B 171 49.82 15.49 -35.49
N ALA B 172 48.88 14.74 -36.04
CA ALA B 172 49.26 13.64 -36.88
C ALA B 172 50.15 14.16 -37.96
N MET B 173 49.72 15.27 -38.56
CA MET B 173 50.46 15.82 -39.65
C MET B 173 51.87 16.20 -39.22
N GLU B 174 52.00 16.83 -38.09
CA GLU B 174 53.31 17.23 -37.64
C GLU B 174 54.21 16.04 -37.42
N TRP B 175 53.66 15.00 -36.80
CA TRP B 175 54.43 13.82 -36.54
C TRP B 175 54.87 13.17 -37.83
N VAL B 176 53.95 13.07 -38.76
CA VAL B 176 54.27 12.44 -40.04
C VAL B 176 55.32 13.26 -40.72
N ILE B 177 55.12 14.56 -40.74
CA ILE B 177 56.04 15.45 -41.35
C ILE B 177 57.39 15.35 -40.69
N HIS B 178 57.43 15.27 -39.38
CA HIS B 178 58.71 15.16 -38.70
C HIS B 178 59.43 13.90 -39.15
N LYS B 179 58.72 12.79 -39.23
CA LYS B 179 59.31 11.57 -39.71
C LYS B 179 59.71 11.76 -41.18
N LEU B 180 58.84 12.40 -41.94
CA LEU B 180 59.07 12.65 -43.36
C LEU B 180 60.28 13.55 -43.59
N ASN B 181 60.38 14.61 -42.80
CA ASN B 181 61.48 15.54 -42.87
C ASN B 181 62.78 14.86 -42.49
N ALA B 182 62.70 14.00 -41.48
CA ALA B 182 63.82 13.20 -41.03
C ALA B 182 64.35 12.21 -42.07
N GLU B 183 63.53 11.73 -43.01
CA GLU B 183 64.04 10.75 -43.97
C GLU B 183 65.22 11.28 -44.78
N ILE B 184 65.05 12.44 -45.39
CA ILE B 184 66.16 13.05 -46.11
C ILE B 184 65.92 14.54 -46.28
#